data_4IE7
#
_entry.id   4IE7
#
_cell.length_a   141.624
_cell.length_b   141.624
_cell.length_c   85.599
_cell.angle_alpha   90.000
_cell.angle_beta   90.000
_cell.angle_gamma   120.000
#
_symmetry.space_group_name_H-M   'H 3'
#
loop_
_entity.id
_entity.type
_entity.pdbx_description
1 polymer 'Alpha-ketoglutarate-dependent dioxygenase FTO'
2 non-polymer 'ZINC ION'
3 non-polymer '4,5-dihydroxy-9,10-dioxo-9,10-dihydroanthracene-2-carboxylic acid'
4 non-polymer 'CITRATE ANION'
5 water water
#
_entity_poly.entity_id   1
_entity_poly.type   'polypeptide(L)'
_entity_poly.pdbx_seq_one_letter_code
;MGSSHHHHHHSSGLVPRGSHMTPKDDEFYQQWQLKYPKLILREASSVSEELHKEVQEAFLTLHKHGCLFRDLVRIQGKDL
LTPVSRILIGNPGCTYKYLNTRLFTVPWPVKGSNIKHTEAEIAAACETFLKLNDYLQIETIQALEELAAKEKANEDAVPL
CMSADFPRVGMGSSYNGQDEVDIKSRAAYNVTLLNFMDPQKMPYLKEEPYFGMGKMAVSWHHDENLVDRSAVAVYSYSCE
GPEEESEDDSHLEGRDPDIWHVGFKISWDIETPGLAIPLHQGDCYFMLDDLNATHQHCVLAGSQPRFSSTHRVAECSTGT
LDYILQRCQLALQNVCDDVDNDDVSLKSFEPAVLKQGEEIHNEVEFEWLRQFWFQGNRYRKCTDWWCQPMAQLEALWKKM
EGVTNAVLHEVKREGLPVEQRNEILTAILASLTARQNLRREWHARCQSRIARTLPADQKPECRPYWEKDDASMPLPFDLT
DIVSELRGQLLEAKP
;
_entity_poly.pdbx_strand_id   A
#
loop_
_chem_comp.id
_chem_comp.type
_chem_comp.name
_chem_comp.formula
FLC non-polymer 'CITRATE ANION' 'C6 H5 O7 -3'
RHN non-polymer '4,5-dihydroxy-9,10-dioxo-9,10-dihydroanthracene-2-carboxylic acid' 'C15 H8 O6'
ZN non-polymer 'ZINC ION' 'Zn 2'
#
# COMPACT_ATOMS: atom_id res chain seq x y z
N ARG A 17 1.26 36.61 6.20
CA ARG A 17 0.57 35.32 6.11
C ARG A 17 0.98 34.57 4.85
N GLY A 18 0.95 33.23 4.92
CA GLY A 18 1.17 32.40 3.75
C GLY A 18 -0.01 32.55 2.80
N SER A 19 0.23 32.45 1.49
CA SER A 19 -0.83 32.66 0.50
C SER A 19 -0.78 31.63 -0.61
N HIS A 20 -1.83 31.59 -1.44
CA HIS A 20 -1.85 30.69 -2.59
C HIS A 20 -2.36 31.36 -3.86
N MET A 21 -2.13 30.68 -4.99
CA MET A 21 -2.50 31.18 -6.30
C MET A 21 -3.33 30.16 -7.08
N THR A 22 -4.29 30.68 -7.83
CA THR A 22 -5.05 29.89 -8.78
C THR A 22 -4.94 30.64 -10.12
N PRO A 23 -5.51 30.09 -11.20
CA PRO A 23 -5.43 30.79 -12.50
C PRO A 23 -5.97 32.24 -12.54
N LYS A 24 -6.70 32.67 -11.51
CA LYS A 24 -7.25 34.03 -11.52
C LYS A 24 -6.12 35.03 -11.27
N ASP A 25 -5.07 34.59 -10.60
CA ASP A 25 -3.94 35.47 -10.24
C ASP A 25 -2.98 35.69 -11.42
N ASP A 26 -2.53 36.93 -11.54
CA ASP A 26 -1.59 37.33 -12.58
C ASP A 26 -0.35 36.44 -12.55
N GLU A 27 0.15 36.20 -11.34
CA GLU A 27 1.44 35.53 -11.15
C GLU A 27 1.35 34.00 -11.25
N PHE A 28 0.16 33.49 -11.55
CA PHE A 28 -0.09 32.06 -11.45
C PHE A 28 0.77 31.26 -12.43
N TYR A 29 0.69 31.62 -13.69
CA TYR A 29 1.30 30.82 -14.72
C TYR A 29 2.83 30.82 -14.61
N GLN A 30 3.41 31.99 -14.36
CA GLN A 30 4.87 32.11 -14.24
C GLN A 30 5.40 31.50 -12.94
N GLN A 31 4.62 31.53 -11.87
CA GLN A 31 5.03 30.82 -10.67
C GLN A 31 5.04 29.34 -10.97
N TRP A 32 4.08 28.90 -11.76
CA TRP A 32 3.98 27.50 -12.13
C TRP A 32 5.24 27.11 -12.88
N GLN A 33 5.63 27.99 -13.80
CA GLN A 33 6.75 27.75 -14.68
C GLN A 33 8.07 27.81 -13.93
N LEU A 34 8.13 28.59 -12.87
CA LEU A 34 9.37 28.80 -12.10
C LEU A 34 9.55 27.87 -10.89
N LYS A 35 8.49 27.45 -10.25
CA LYS A 35 8.63 26.77 -8.98
C LYS A 35 7.91 25.41 -8.96
N TYR A 36 7.20 25.11 -10.04
CA TYR A 36 6.46 23.84 -10.17
C TYR A 36 6.47 23.32 -11.61
N PRO A 37 7.62 23.39 -12.31
CA PRO A 37 7.59 23.03 -13.74
C PRO A 37 7.39 21.56 -14.02
N LYS A 38 7.86 20.69 -13.13
CA LYS A 38 7.65 19.25 -13.32
C LYS A 38 6.20 18.81 -13.02
N LEU A 39 5.32 19.78 -12.77
CA LEU A 39 3.89 19.50 -12.66
C LEU A 39 3.21 19.77 -13.99
N ILE A 40 2.68 18.73 -14.63
CA ILE A 40 2.01 18.93 -15.89
C ILE A 40 0.51 18.74 -15.75
N LEU A 41 -0.23 19.36 -16.67
CA LEU A 41 -1.68 19.38 -16.63
C LEU A 41 -2.23 19.16 -18.05
N ARG A 42 -3.12 18.18 -18.20
CA ARG A 42 -3.83 17.91 -19.43
C ARG A 42 -5.33 18.03 -19.17
N GLU A 43 -5.98 18.99 -19.82
CA GLU A 43 -7.36 19.27 -19.53
C GLU A 43 -8.25 18.22 -20.17
N ALA A 44 -9.46 18.06 -19.67
CA ALA A 44 -10.37 17.00 -20.15
C ALA A 44 -10.39 16.88 -21.67
N SER A 45 -10.12 17.98 -22.35
CA SER A 45 -10.24 18.06 -23.82
C SER A 45 -9.19 17.25 -24.55
N SER A 46 -8.02 17.08 -23.93
CA SER A 46 -6.97 16.31 -24.55
C SER A 46 -7.38 14.84 -24.61
N VAL A 47 -8.42 14.48 -23.86
CA VAL A 47 -8.89 13.09 -23.74
C VAL A 47 -10.18 12.88 -24.54
N SER A 48 -10.31 11.72 -25.20
CA SER A 48 -11.44 11.49 -26.11
C SER A 48 -12.78 11.36 -25.39
N GLU A 49 -13.86 11.71 -26.07
CA GLU A 49 -15.20 11.52 -25.53
C GLU A 49 -15.33 10.06 -25.08
N GLU A 50 -14.99 9.14 -25.99
CA GLU A 50 -15.13 7.70 -25.75
C GLU A 50 -14.56 7.29 -24.40
N LEU A 51 -13.26 7.49 -24.26
CA LEU A 51 -12.56 7.10 -23.05
C LEU A 51 -13.12 7.75 -21.78
N HIS A 52 -13.61 9.00 -21.88
CA HIS A 52 -14.23 9.66 -20.74
C HIS A 52 -15.43 8.87 -20.25
N LYS A 53 -16.31 8.53 -21.19
CA LYS A 53 -17.48 7.74 -20.87
C LYS A 53 -17.06 6.43 -20.19
N GLU A 54 -16.34 5.60 -20.92
CA GLU A 54 -15.96 4.30 -20.38
C GLU A 54 -15.42 4.41 -18.96
N VAL A 55 -14.51 5.37 -18.76
CA VAL A 55 -13.80 5.53 -17.49
C VAL A 55 -14.74 5.97 -16.37
N GLN A 56 -15.67 6.86 -16.68
CA GLN A 56 -16.55 7.39 -15.65
C GLN A 56 -17.59 6.35 -15.28
N GLU A 57 -18.27 5.80 -16.27
CA GLU A 57 -19.14 4.64 -16.01
C GLU A 57 -18.41 3.59 -15.16
N ALA A 58 -17.12 3.37 -15.43
CA ALA A 58 -16.37 2.37 -14.70
C ALA A 58 -16.26 2.74 -13.21
N PHE A 59 -15.95 4.01 -12.92
CA PHE A 59 -16.00 4.54 -11.54
C PHE A 59 -17.34 4.28 -10.85
N LEU A 60 -18.43 4.69 -11.48
CA LEU A 60 -19.78 4.50 -10.94
C LEU A 60 -20.14 3.02 -10.77
N THR A 61 -19.58 2.17 -11.62
CA THR A 61 -19.89 0.76 -11.55
C THR A 61 -19.22 0.22 -10.29
N LEU A 62 -17.96 0.57 -10.07
CA LEU A 62 -17.26 0.09 -8.89
C LEU A 62 -17.95 0.61 -7.63
N HIS A 63 -18.40 1.86 -7.67
CA HIS A 63 -19.04 2.46 -6.49
C HIS A 63 -20.33 1.73 -6.15
N LYS A 64 -21.13 1.41 -7.17
CA LYS A 64 -22.41 0.74 -6.98
C LYS A 64 -22.19 -0.60 -6.28
N HIS A 65 -21.16 -1.31 -6.72
CA HIS A 65 -20.86 -2.66 -6.24
C HIS A 65 -20.16 -2.62 -4.88
N GLY A 66 -20.03 -1.43 -4.30
CA GLY A 66 -19.51 -1.26 -2.96
C GLY A 66 -18.05 -1.62 -2.85
N CYS A 67 -17.30 -1.41 -3.94
CA CYS A 67 -15.92 -1.85 -4.00
C CYS A 67 -14.89 -0.92 -3.34
N LEU A 68 -15.27 0.31 -3.01
CA LEU A 68 -14.30 1.26 -2.43
C LEU A 68 -14.44 1.29 -0.91
N PHE A 69 -13.32 1.32 -0.21
CA PHE A 69 -13.32 1.13 1.23
C PHE A 69 -12.42 2.11 1.91
N ARG A 70 -12.82 2.54 3.10
CA ARG A 70 -11.99 3.39 3.92
C ARG A 70 -10.91 2.53 4.60
N ASP A 71 -9.66 2.97 4.52
CA ASP A 71 -8.60 2.19 5.13
C ASP A 71 -8.45 2.59 6.60
N LEU A 72 -8.41 1.59 7.47
CA LEU A 72 -8.11 1.79 8.89
C LEU A 72 -6.58 1.85 9.04
N VAL A 73 -6.07 3.04 8.78
CA VAL A 73 -4.68 3.30 8.56
C VAL A 73 -3.99 3.66 9.86
N ARG A 74 -2.68 3.87 9.80
CA ARG A 74 -1.92 4.34 10.96
C ARG A 74 -1.08 5.59 10.68
N ILE A 75 -1.04 6.48 11.66
CA ILE A 75 -0.38 7.77 11.53
C ILE A 75 0.03 8.24 12.92
N GLN A 76 1.29 8.65 13.04
CA GLN A 76 1.90 8.99 14.32
C GLN A 76 1.30 8.15 15.45
N GLY A 77 1.29 6.83 15.28
CA GLY A 77 0.89 5.89 16.31
C GLY A 77 -0.61 5.83 16.63
N LYS A 78 -1.44 6.46 15.79
CA LYS A 78 -2.89 6.51 16.02
C LYS A 78 -3.69 5.83 14.92
N ASP A 79 -4.60 4.94 15.28
CA ASP A 79 -5.48 4.33 14.28
C ASP A 79 -6.54 5.32 13.79
N LEU A 80 -6.57 5.51 12.48
CA LEU A 80 -7.48 6.50 11.90
C LEU A 80 -8.13 5.96 10.64
N LEU A 81 -9.44 6.09 10.58
CA LEU A 81 -10.18 5.84 9.37
C LEU A 81 -9.96 6.99 8.39
N THR A 82 -9.47 6.68 7.19
CA THR A 82 -9.34 7.68 6.16
C THR A 82 -10.73 8.17 5.69
N PRO A 83 -10.91 9.51 5.63
CA PRO A 83 -12.20 10.05 5.14
C PRO A 83 -12.49 9.60 3.70
N VAL A 84 -11.43 9.40 2.94
CA VAL A 84 -11.51 8.97 1.55
C VAL A 84 -11.67 7.45 1.45
N SER A 85 -12.41 6.97 0.46
CA SER A 85 -12.52 5.53 0.24
C SER A 85 -11.68 5.17 -0.96
N ARG A 86 -11.07 3.99 -0.93
CA ARG A 86 -10.09 3.63 -1.94
C ARG A 86 -10.25 2.21 -2.44
N ILE A 87 -9.62 1.95 -3.57
CA ILE A 87 -9.47 0.59 -4.09
C ILE A 87 -8.21 0.53 -4.93
N LEU A 88 -7.48 -0.58 -4.88
CA LEU A 88 -6.27 -0.75 -5.69
C LEU A 88 -6.53 -1.69 -6.88
N ILE A 89 -6.22 -1.25 -8.09
CA ILE A 89 -6.33 -2.11 -9.26
C ILE A 89 -4.96 -2.19 -9.94
N GLY A 90 -4.55 -3.35 -10.42
CA GLY A 90 -3.28 -3.43 -11.11
C GLY A 90 -2.82 -4.81 -11.53
N ASN A 91 -1.52 -4.95 -11.74
CA ASN A 91 -0.94 -6.21 -12.15
C ASN A 91 -1.17 -7.30 -11.11
N PRO A 92 -1.65 -8.47 -11.55
CA PRO A 92 -1.88 -9.59 -10.64
C PRO A 92 -0.69 -9.88 -9.72
N GLY A 93 -0.95 -9.97 -8.41
CA GLY A 93 0.07 -10.37 -7.45
C GLY A 93 0.79 -9.17 -6.85
N CYS A 94 0.39 -7.97 -7.27
CA CYS A 94 1.12 -6.77 -6.87
C CYS A 94 0.48 -6.08 -5.66
N THR A 95 1.34 -5.48 -4.82
CA THR A 95 0.86 -4.72 -3.68
C THR A 95 1.43 -3.32 -3.72
N TYR A 96 0.83 -2.44 -2.93
CA TYR A 96 1.22 -1.05 -2.82
C TYR A 96 1.04 -0.70 -1.38
N LYS A 97 2.11 -0.36 -0.70
CA LYS A 97 2.00 -0.09 0.74
C LYS A 97 2.07 1.39 1.07
N TYR A 98 1.02 1.91 1.69
CA TYR A 98 1.07 3.24 2.30
C TYR A 98 0.48 3.25 3.71
N LEU A 99 0.98 4.17 4.54
CA LEU A 99 0.54 4.33 5.94
C LEU A 99 0.36 2.98 6.69
N ASN A 100 1.34 2.09 6.49
CA ASN A 100 1.49 0.84 7.21
C ASN A 100 0.41 -0.15 6.84
N THR A 101 -0.15 0.04 5.66
CA THR A 101 -1.26 -0.74 5.22
C THR A 101 -0.94 -1.18 3.81
N ARG A 102 -0.84 -2.48 3.60
CA ARG A 102 -0.53 -3.01 2.30
C ARG A 102 -1.84 -3.30 1.58
N LEU A 103 -2.10 -2.50 0.55
CA LEU A 103 -3.23 -2.72 -0.34
C LEU A 103 -2.83 -3.77 -1.38
N PHE A 104 -3.72 -4.76 -1.59
CA PHE A 104 -3.49 -5.81 -2.56
C PHE A 104 -4.27 -5.50 -3.81
N THR A 105 -3.71 -5.79 -4.98
CA THR A 105 -4.43 -5.41 -6.18
C THR A 105 -5.62 -6.30 -6.41
N VAL A 106 -6.71 -5.67 -6.84
CA VAL A 106 -7.76 -6.31 -7.59
C VAL A 106 -7.18 -6.32 -8.99
N PRO A 107 -7.01 -7.50 -9.60
CA PRO A 107 -6.25 -7.57 -10.86
C PRO A 107 -6.95 -6.96 -12.07
N TRP A 108 -6.20 -6.22 -12.90
CA TRP A 108 -6.64 -5.90 -14.26
C TRP A 108 -5.94 -6.87 -15.22
N PRO A 109 -6.52 -7.09 -16.40
CA PRO A 109 -6.07 -8.20 -17.26
C PRO A 109 -4.87 -7.90 -18.14
N VAL A 110 -3.67 -7.84 -17.57
CA VAL A 110 -2.46 -7.78 -18.37
C VAL A 110 -2.38 -9.07 -19.20
N LYS A 111 -1.33 -9.18 -20.03
CA LYS A 111 -1.08 -10.40 -20.79
C LYS A 111 -0.67 -11.53 -19.85
N GLY A 112 -1.19 -12.73 -20.10
CA GLY A 112 -0.94 -13.87 -19.25
C GLY A 112 -1.81 -13.86 -17.99
N SER A 113 -3.11 -14.05 -18.16
CA SER A 113 -4.06 -14.03 -17.04
C SER A 113 -5.47 -14.26 -17.58
N ASN A 114 -6.31 -14.97 -16.83
CA ASN A 114 -7.64 -15.33 -17.32
C ASN A 114 -8.63 -15.82 -16.25
N ILE A 115 -9.37 -14.89 -15.65
CA ILE A 115 -10.35 -15.22 -14.60
C ILE A 115 -11.76 -14.86 -15.06
N THR A 118 -13.10 -10.01 -10.29
CA THR A 118 -13.34 -11.26 -11.02
C THR A 118 -14.82 -11.45 -11.39
N GLU A 119 -15.69 -10.57 -10.88
CA GLU A 119 -17.11 -10.58 -11.28
C GLU A 119 -17.35 -9.69 -12.51
N ALA A 120 -18.39 -10.00 -13.29
CA ALA A 120 -18.64 -9.39 -14.61
C ALA A 120 -18.39 -7.89 -14.72
N GLU A 121 -19.33 -7.10 -14.22
CA GLU A 121 -19.24 -5.66 -14.37
C GLU A 121 -17.92 -5.14 -13.76
N ILE A 122 -17.50 -5.76 -12.66
CA ILE A 122 -16.27 -5.39 -11.99
C ILE A 122 -15.02 -5.70 -12.84
N ALA A 123 -15.02 -6.86 -13.49
CA ALA A 123 -13.91 -7.26 -14.35
C ALA A 123 -13.75 -6.26 -15.48
N ALA A 124 -14.89 -5.82 -16.01
CA ALA A 124 -14.93 -4.89 -17.12
C ALA A 124 -14.42 -3.50 -16.70
N ALA A 125 -14.72 -3.09 -15.48
CA ALA A 125 -14.17 -1.84 -14.96
C ALA A 125 -12.64 -1.92 -14.87
N CYS A 126 -12.14 -3.06 -14.42
CA CYS A 126 -10.69 -3.26 -14.35
C CYS A 126 -10.05 -3.13 -15.73
N GLU A 127 -10.67 -3.74 -16.75
CA GLU A 127 -10.17 -3.62 -18.11
C GLU A 127 -10.09 -2.15 -18.49
N THR A 128 -11.14 -1.43 -18.15
CA THR A 128 -11.23 -0.01 -18.44
C THR A 128 -10.11 0.82 -17.79
N PHE A 129 -9.76 0.53 -16.54
CA PHE A 129 -8.70 1.29 -15.89
C PHE A 129 -7.31 0.86 -16.36
N LEU A 130 -7.24 -0.34 -16.93
CA LEU A 130 -6.05 -0.75 -17.66
C LEU A 130 -5.96 0.05 -18.95
N LYS A 131 -7.09 0.32 -19.59
CA LYS A 131 -7.06 1.06 -20.85
C LYS A 131 -6.59 2.49 -20.54
N LEU A 132 -7.09 3.01 -19.43
CA LEU A 132 -6.74 4.32 -18.96
C LEU A 132 -5.26 4.32 -18.60
N ASN A 133 -4.79 3.23 -18.00
CA ASN A 133 -3.40 3.13 -17.61
C ASN A 133 -2.48 3.24 -18.81
N ASP A 134 -2.86 2.53 -19.88
CA ASP A 134 -2.12 2.53 -21.13
C ASP A 134 -2.00 3.93 -21.71
N TYR A 135 -3.14 4.62 -21.83
CA TYR A 135 -3.17 5.94 -22.45
C TYR A 135 -2.34 6.95 -21.68
N LEU A 136 -2.47 6.92 -20.35
CA LEU A 136 -1.78 7.85 -19.47
C LEU A 136 -0.30 7.56 -19.50
N GLN A 137 0.04 6.29 -19.71
CA GLN A 137 1.44 5.94 -19.81
C GLN A 137 2.03 6.62 -21.03
N ILE A 138 1.39 6.42 -22.17
CA ILE A 138 1.83 7.06 -23.41
C ILE A 138 2.03 8.58 -23.22
N GLU A 139 1.03 9.24 -22.63
CA GLU A 139 1.14 10.66 -22.28
C GLU A 139 2.33 10.98 -21.38
N THR A 140 2.58 10.16 -20.37
CA THR A 140 3.62 10.50 -19.40
C THR A 140 4.98 10.46 -20.07
N ILE A 141 5.18 9.44 -20.91
CA ILE A 141 6.41 9.27 -21.66
C ILE A 141 6.59 10.47 -22.56
N GLN A 142 5.54 10.91 -23.26
CA GLN A 142 5.68 12.08 -24.11
C GLN A 142 6.07 13.32 -23.33
N ALA A 143 5.49 13.51 -22.14
CA ALA A 143 5.74 14.72 -21.37
C ALA A 143 7.16 14.72 -20.82
N LEU A 144 7.68 13.55 -20.46
CA LEU A 144 9.03 13.40 -19.94
C LEU A 144 10.07 13.59 -21.07
N GLU A 145 9.73 13.16 -22.27
CA GLU A 145 10.58 13.42 -23.42
C GLU A 145 10.69 14.94 -23.55
N GLU A 146 9.55 15.62 -23.58
CA GLU A 146 9.51 17.07 -23.69
C GLU A 146 10.29 17.73 -22.55
N LEU A 147 10.18 17.13 -21.37
CA LEU A 147 10.80 17.70 -20.18
C LEU A 147 12.33 17.71 -20.32
N ALA A 148 12.85 16.61 -20.86
CA ALA A 148 14.28 16.49 -21.11
C ALA A 148 14.77 17.50 -22.17
N ALA A 149 14.08 17.56 -23.30
CA ALA A 149 14.45 18.49 -24.39
C ALA A 149 14.37 19.95 -23.92
N LYS A 150 13.55 20.21 -22.90
CA LYS A 150 13.54 21.51 -22.25
C LYS A 150 14.78 21.68 -21.34
N GLU A 151 15.22 20.59 -20.70
CA GLU A 151 16.51 20.59 -19.99
C GLU A 151 17.73 20.64 -20.92
N LYS A 152 17.58 20.17 -22.15
CA LYS A 152 18.71 20.13 -23.08
C LYS A 152 19.22 21.51 -23.45
N ALA A 153 18.46 22.55 -23.12
CA ALA A 153 18.85 23.94 -23.42
C ALA A 153 19.23 24.71 -22.16
N ASP A 179 18.43 8.34 -19.90
CA ASP A 179 18.23 7.26 -20.85
C ASP A 179 16.75 7.16 -21.25
N GLU A 180 16.46 6.44 -22.32
CA GLU A 180 15.09 6.20 -22.78
C GLU A 180 14.44 5.13 -21.93
N VAL A 181 15.24 4.17 -21.47
CA VAL A 181 14.75 3.11 -20.60
C VAL A 181 14.38 3.67 -19.22
N ASP A 182 15.08 4.72 -18.80
CA ASP A 182 14.71 5.39 -17.56
C ASP A 182 13.33 5.99 -17.70
N ILE A 183 13.07 6.66 -18.81
CA ILE A 183 11.78 7.28 -19.03
C ILE A 183 10.67 6.23 -18.99
N LYS A 184 10.85 5.17 -19.76
CA LYS A 184 9.83 4.14 -19.89
C LYS A 184 9.59 3.38 -18.58
N SER A 185 10.62 3.24 -17.74
CA SER A 185 10.41 2.59 -16.46
C SER A 185 9.81 3.57 -15.44
N ARG A 186 10.01 4.85 -15.66
CA ARG A 186 9.40 5.87 -14.80
C ARG A 186 7.93 6.13 -15.15
N ALA A 187 7.48 5.58 -16.27
CA ALA A 187 6.06 5.68 -16.65
C ALA A 187 5.40 4.30 -16.66
N ALA A 188 6.07 3.29 -16.13
CA ALA A 188 5.60 1.91 -16.22
C ALA A 188 4.59 1.60 -15.12
N TYR A 189 3.49 2.34 -15.14
CA TYR A 189 2.42 2.18 -14.16
C TYR A 189 1.99 0.71 -14.02
N ASN A 190 2.22 0.14 -12.83
CA ASN A 190 1.78 -1.22 -12.51
C ASN A 190 0.52 -1.25 -11.62
N VAL A 191 0.08 -0.09 -11.15
CA VAL A 191 -1.10 0.00 -10.29
C VAL A 191 -1.75 1.37 -10.42
N THR A 192 -3.05 1.46 -10.16
CA THR A 192 -3.69 2.73 -9.88
C THR A 192 -4.46 2.63 -8.58
N LEU A 193 -4.43 3.71 -7.79
CA LEU A 193 -5.17 3.79 -6.55
C LEU A 193 -6.33 4.70 -6.80
N LEU A 194 -7.51 4.11 -6.81
CA LEU A 194 -8.77 4.83 -7.00
C LEU A 194 -9.22 5.43 -5.68
N ASN A 195 -9.79 6.64 -5.75
CA ASN A 195 -10.32 7.31 -4.56
C ASN A 195 -11.71 7.88 -4.83
N PHE A 196 -12.58 7.83 -3.81
CA PHE A 196 -13.89 8.47 -3.86
C PHE A 196 -14.09 9.25 -2.58
N MET A 197 -14.62 10.45 -2.68
CA MET A 197 -15.17 11.11 -1.50
C MET A 197 -16.38 11.94 -1.83
N ASP A 198 -17.41 11.77 -1.01
CA ASP A 198 -18.64 12.48 -1.18
C ASP A 198 -18.78 13.44 -0.01
N PRO A 199 -18.41 14.73 -0.20
CA PRO A 199 -18.30 15.69 0.91
C PRO A 199 -19.59 15.87 1.72
N GLN A 200 -20.75 15.67 1.09
CA GLN A 200 -22.02 15.76 1.80
C GLN A 200 -22.14 14.61 2.81
N LYS A 201 -21.65 13.45 2.43
CA LYS A 201 -21.70 12.28 3.29
C LYS A 201 -20.52 12.24 4.26
N MET A 202 -19.41 12.86 3.87
CA MET A 202 -18.18 12.78 4.65
C MET A 202 -17.66 14.18 5.02
N PRO A 203 -18.44 14.90 5.84
CA PRO A 203 -18.23 16.32 6.13
C PRO A 203 -16.96 16.62 6.96
N TYR A 204 -16.48 15.64 7.71
CA TYR A 204 -15.51 15.93 8.76
C TYR A 204 -14.12 16.19 8.18
N LEU A 205 -13.91 17.45 7.81
CA LEU A 205 -12.75 17.85 7.01
C LEU A 205 -11.97 19.00 7.64
N LYS A 206 -10.65 18.84 7.63
CA LYS A 206 -9.73 19.79 8.24
C LYS A 206 -9.49 20.99 7.33
N GLU A 207 -9.32 22.18 7.91
CA GLU A 207 -8.88 23.35 7.14
C GLU A 207 -7.39 23.26 6.80
N GLU A 208 -7.03 23.63 5.56
CA GLU A 208 -5.64 23.73 5.14
C GLU A 208 -4.92 24.85 5.90
N PRO A 209 -3.83 24.50 6.60
CA PRO A 209 -3.24 25.36 7.63
C PRO A 209 -2.30 26.48 7.18
N TYR A 210 -1.74 26.45 5.99
CA TYR A 210 -0.61 27.36 5.65
C TYR A 210 -0.92 28.45 4.64
N PHE A 211 -1.83 28.17 3.72
CA PHE A 211 -2.07 29.05 2.58
C PHE A 211 -3.54 29.48 2.50
N GLY A 212 -4.34 29.06 3.47
CA GLY A 212 -5.78 29.29 3.46
C GLY A 212 -6.53 28.72 2.26
N MET A 213 -6.16 27.55 1.78
CA MET A 213 -6.84 26.91 0.67
C MET A 213 -8.22 26.35 1.07
N GLY A 214 -8.60 26.53 2.34
CA GLY A 214 -9.80 25.93 2.85
C GLY A 214 -9.71 24.42 2.93
N LYS A 215 -10.83 23.78 2.69
CA LYS A 215 -11.08 22.45 3.21
C LYS A 215 -10.34 21.32 2.49
N MET A 216 -9.67 20.49 3.29
CA MET A 216 -8.86 19.43 2.73
C MET A 216 -9.54 18.09 2.80
N ALA A 217 -9.57 17.38 1.69
CA ALA A 217 -9.91 15.97 1.66
C ALA A 217 -8.69 15.12 2.09
N VAL A 218 -7.55 15.45 1.53
CA VAL A 218 -6.32 14.76 1.84
C VAL A 218 -5.33 15.83 2.21
N SER A 219 -4.72 15.75 3.39
CA SER A 219 -3.77 16.79 3.80
C SER A 219 -2.40 16.64 3.13
N TRP A 220 -1.55 17.63 3.32
CA TRP A 220 -0.23 17.68 2.67
C TRP A 220 0.61 16.43 2.95
N HIS A 221 1.10 15.78 1.88
CA HIS A 221 1.90 14.53 2.03
C HIS A 221 2.75 14.26 0.81
N HIS A 222 3.69 13.34 0.95
CA HIS A 222 4.44 12.81 -0.19
C HIS A 222 3.86 11.42 -0.46
N ASP A 223 3.70 11.03 -1.73
CA ASP A 223 3.33 9.64 -2.01
C ASP A 223 4.53 8.70 -1.77
N GLU A 224 4.43 7.90 -0.71
CA GLU A 224 5.24 6.71 -0.42
C GLU A 224 5.31 5.57 -1.45
N ASN A 225 6.37 4.76 -1.30
CA ASN A 225 6.53 3.45 -1.94
C ASN A 225 6.51 3.50 -3.46
N LEU A 226 7.04 4.57 -4.04
CA LEU A 226 7.08 4.66 -5.49
C LEU A 226 8.50 4.46 -5.93
N VAL A 227 8.67 3.92 -7.13
CA VAL A 227 9.99 3.81 -7.72
C VAL A 227 10.55 5.21 -7.77
N ASP A 228 11.85 5.30 -7.53
CA ASP A 228 12.51 6.61 -7.49
C ASP A 228 12.35 7.36 -8.80
N ARG A 229 11.97 8.63 -8.68
CA ARG A 229 11.82 9.55 -9.83
C ARG A 229 10.71 9.12 -10.80
N SER A 230 9.86 8.20 -10.36
CA SER A 230 8.76 7.71 -11.18
C SER A 230 7.56 8.63 -11.16
N ALA A 231 6.91 8.73 -12.30
CA ALA A 231 5.80 9.63 -12.49
C ALA A 231 4.55 9.09 -11.83
N VAL A 232 3.58 9.98 -11.64
CA VAL A 232 2.26 9.63 -11.15
C VAL A 232 1.27 10.37 -12.01
N ALA A 233 0.26 9.67 -12.53
CA ALA A 233 -0.72 10.30 -13.42
C ALA A 233 -2.13 10.17 -12.83
N VAL A 234 -2.78 11.31 -12.62
CA VAL A 234 -4.09 11.32 -11.99
C VAL A 234 -5.18 11.75 -12.96
N TYR A 235 -6.19 10.90 -13.07
CA TYR A 235 -7.41 11.25 -13.80
C TYR A 235 -8.42 11.67 -12.75
N SER A 236 -8.84 12.93 -12.79
CA SER A 236 -9.80 13.46 -11.81
C SER A 236 -11.20 13.54 -12.42
N TYR A 237 -12.21 13.27 -11.59
CA TYR A 237 -13.58 13.29 -12.05
C TYR A 237 -14.53 13.77 -10.95
N SER A 238 -14.81 15.06 -10.96
CA SER A 238 -15.78 15.67 -10.05
C SER A 238 -17.14 15.49 -10.65
N CYS A 239 -18.01 14.79 -9.95
CA CYS A 239 -19.40 14.69 -10.38
C CYS A 239 -19.95 16.11 -10.57
N GLU A 240 -20.17 16.51 -11.83
CA GLU A 240 -20.54 17.89 -12.16
C GLU A 240 -19.50 18.87 -11.61
N LEU A 252 -14.32 37.69 -5.44
CA LEU A 252 -14.07 36.38 -4.83
C LEU A 252 -12.56 36.11 -4.65
N GLU A 253 -12.15 35.87 -3.40
CA GLU A 253 -10.73 35.85 -3.03
C GLU A 253 -10.19 34.45 -2.73
N GLY A 254 -9.52 33.84 -3.70
CA GLY A 254 -8.92 32.55 -3.45
C GLY A 254 -9.41 31.45 -4.37
N ARG A 255 -9.30 30.22 -3.93
CA ARG A 255 -9.76 29.14 -4.76
C ARG A 255 -11.22 29.04 -4.42
N ASP A 256 -12.01 28.73 -5.44
CA ASP A 256 -13.44 28.49 -5.29
C ASP A 256 -13.69 27.18 -4.54
N PRO A 257 -14.31 27.28 -3.36
CA PRO A 257 -14.48 26.14 -2.46
C PRO A 257 -15.37 25.08 -3.05
N ASP A 258 -16.31 25.46 -3.92
CA ASP A 258 -17.24 24.51 -4.50
C ASP A 258 -16.55 23.53 -5.46
N ILE A 259 -15.38 23.90 -5.96
CA ILE A 259 -14.68 23.05 -6.91
C ILE A 259 -13.45 22.36 -6.33
N TRP A 260 -13.20 21.14 -6.80
CA TRP A 260 -12.03 20.35 -6.36
C TRP A 260 -10.73 20.91 -6.92
N HIS A 261 -9.68 20.85 -6.09
CA HIS A 261 -8.36 21.30 -6.48
C HIS A 261 -7.35 20.29 -6.00
N VAL A 262 -6.23 20.17 -6.70
CA VAL A 262 -5.05 19.54 -6.12
C VAL A 262 -4.10 20.69 -5.74
N GLY A 263 -3.64 20.72 -4.49
CA GLY A 263 -2.69 21.73 -4.06
C GLY A 263 -1.25 21.21 -4.07
N PHE A 264 -0.28 22.06 -4.42
CA PHE A 264 1.15 21.77 -4.27
C PHE A 264 1.89 22.86 -3.50
N LYS A 265 2.86 22.44 -2.69
CA LYS A 265 3.72 23.38 -1.99
C LYS A 265 5.12 22.82 -2.11
N ILE A 266 6.13 23.66 -1.97
CA ILE A 266 7.48 23.16 -1.88
C ILE A 266 7.72 22.59 -0.49
N SER A 267 8.49 21.49 -0.42
CA SER A 267 8.82 20.89 0.87
C SER A 267 9.54 21.91 1.78
N TRP A 268 9.13 21.89 3.05
CA TRP A 268 9.76 22.67 4.11
C TRP A 268 9.34 24.12 4.07
N ASP A 269 8.49 24.46 3.11
CA ASP A 269 8.36 25.85 2.67
C ASP A 269 6.91 26.30 2.61
N ILE A 270 6.56 27.27 3.44
CA ILE A 270 5.25 27.93 3.37
C ILE A 270 5.36 29.42 3.10
N GLU A 271 6.55 29.86 2.69
CA GLU A 271 6.75 31.23 2.23
C GLU A 271 6.40 31.34 0.75
N THR A 272 7.07 30.51 -0.07
CA THR A 272 6.70 30.37 -1.47
C THR A 272 5.22 30.05 -1.51
N PRO A 273 4.44 30.89 -2.21
CA PRO A 273 3.00 30.62 -2.13
C PRO A 273 2.68 29.29 -2.79
N GLY A 274 1.67 28.58 -2.31
CA GLY A 274 1.33 27.29 -2.89
C GLY A 274 0.46 27.42 -4.13
N LEU A 275 0.40 26.37 -4.94
CA LEU A 275 -0.50 26.32 -6.09
C LEU A 275 -1.77 25.52 -5.79
N ALA A 276 -2.92 26.11 -6.13
CA ALA A 276 -4.16 25.37 -6.08
C ALA A 276 -4.76 25.26 -7.49
N ILE A 277 -4.65 24.05 -8.06
CA ILE A 277 -5.08 23.74 -9.42
C ILE A 277 -6.51 23.18 -9.46
N PRO A 278 -7.42 23.91 -10.12
CA PRO A 278 -8.82 23.45 -10.23
C PRO A 278 -8.93 22.20 -11.07
N LEU A 279 -9.78 21.27 -10.64
CA LEU A 279 -10.01 20.02 -11.33
C LEU A 279 -11.50 19.88 -11.58
N HIS A 280 -11.87 19.77 -12.85
CA HIS A 280 -13.24 19.59 -13.22
C HIS A 280 -13.46 18.14 -13.56
N GLN A 281 -14.46 17.86 -14.38
CA GLN A 281 -14.67 16.51 -14.86
C GLN A 281 -13.61 16.10 -15.90
N GLY A 282 -12.79 15.12 -15.56
CA GLY A 282 -11.91 14.50 -16.54
C GLY A 282 -10.59 15.19 -16.82
N ASP A 283 -10.22 16.20 -16.02
CA ASP A 283 -8.88 16.80 -16.13
C ASP A 283 -7.86 15.80 -15.66
N CYS A 284 -6.64 15.85 -16.21
CA CYS A 284 -5.54 15.00 -15.74
C CYS A 284 -4.31 15.82 -15.32
N TYR A 285 -3.66 15.42 -14.24
CA TYR A 285 -2.39 16.05 -13.90
C TYR A 285 -1.31 14.98 -13.78
N PHE A 286 -0.04 15.39 -13.77
CA PHE A 286 1.08 14.45 -13.76
C PHE A 286 2.17 15.03 -12.88
N MET A 287 2.67 14.26 -11.94
CA MET A 287 3.88 14.64 -11.23
C MET A 287 5.01 13.91 -11.90
N LEU A 288 5.94 14.68 -12.44
CA LEU A 288 7.06 14.12 -13.15
C LEU A 288 8.28 14.08 -12.25
N ASP A 289 9.00 12.96 -12.30
CA ASP A 289 10.39 12.91 -11.88
C ASP A 289 10.54 13.11 -10.38
N ASP A 290 11.31 14.11 -9.95
CA ASP A 290 11.50 14.35 -8.53
C ASP A 290 10.45 15.24 -7.86
N LEU A 291 9.39 15.63 -8.58
CA LEU A 291 8.34 16.47 -8.01
C LEU A 291 7.77 15.90 -6.71
N ASN A 292 7.40 14.62 -6.71
CA ASN A 292 6.81 14.01 -5.53
C ASN A 292 7.76 14.06 -4.35
N ALA A 293 9.04 14.19 -4.61
CA ALA A 293 9.98 14.22 -3.51
C ALA A 293 10.27 15.66 -3.08
N THR A 294 10.38 16.56 -4.04
CA THR A 294 10.67 17.96 -3.74
C THR A 294 9.47 18.77 -3.32
N HIS A 295 8.26 18.34 -3.70
CA HIS A 295 7.05 19.08 -3.38
C HIS A 295 6.17 18.17 -2.60
N GLN A 296 5.22 18.76 -1.87
CA GLN A 296 4.10 18.05 -1.23
C GLN A 296 2.84 18.35 -2.00
N HIS A 297 1.84 17.48 -1.90
CA HIS A 297 0.56 17.80 -2.48
C HIS A 297 -0.57 17.42 -1.53
N CYS A 298 -1.73 18.01 -1.78
CA CYS A 298 -2.91 17.75 -0.97
C CYS A 298 -4.09 17.86 -1.92
N VAL A 299 -5.25 17.48 -1.43
CA VAL A 299 -6.46 17.57 -2.24
C VAL A 299 -7.42 18.53 -1.51
N LEU A 300 -7.82 19.59 -2.18
CA LEU A 300 -8.82 20.49 -1.63
C LEU A 300 -10.21 20.06 -2.08
N ALA A 301 -11.07 19.81 -1.11
CA ALA A 301 -12.44 19.39 -1.38
C ALA A 301 -13.31 20.49 -2.01
N GLY A 302 -14.10 20.07 -3.00
CA GLY A 302 -15.18 20.86 -3.53
C GLY A 302 -16.45 20.46 -2.78
N SER A 303 -17.61 20.67 -3.42
CA SER A 303 -18.89 20.39 -2.77
C SER A 303 -19.59 19.17 -3.37
N GLN A 304 -19.13 18.70 -4.53
CA GLN A 304 -19.72 17.51 -5.14
C GLN A 304 -18.81 16.30 -4.91
N PRO A 305 -19.39 15.08 -4.95
CA PRO A 305 -18.56 13.87 -4.85
C PRO A 305 -17.53 13.84 -5.98
N ARG A 306 -16.39 13.21 -5.74
CA ARG A 306 -15.38 13.10 -6.78
C ARG A 306 -14.61 11.80 -6.67
N PHE A 307 -14.30 11.25 -7.86
CA PHE A 307 -13.43 10.11 -8.02
C PHE A 307 -12.07 10.53 -8.57
N SER A 308 -11.05 9.70 -8.38
CA SER A 308 -9.83 9.83 -9.18
C SER A 308 -9.10 8.51 -9.35
N SER A 309 -8.32 8.42 -10.43
CA SER A 309 -7.50 7.25 -10.69
C SER A 309 -6.07 7.70 -10.63
N THR A 310 -5.33 7.23 -9.64
CA THR A 310 -3.96 7.69 -9.49
C THR A 310 -2.94 6.57 -9.79
N HIS A 311 -2.48 6.57 -11.04
CA HIS A 311 -1.52 5.58 -11.57
C HIS A 311 -0.11 5.83 -11.11
N ARG A 312 0.54 4.75 -10.70
CA ARG A 312 1.82 4.82 -9.97
C ARG A 312 2.70 3.67 -10.38
N VAL A 313 4.02 3.88 -10.35
CA VAL A 313 4.96 2.76 -10.39
C VAL A 313 5.34 2.38 -8.96
N ALA A 314 4.58 1.44 -8.41
CA ALA A 314 4.78 0.96 -7.07
C ALA A 314 6.10 0.23 -7.04
N GLU A 315 6.91 0.51 -6.04
CA GLU A 315 8.19 -0.14 -5.88
C GLU A 315 7.96 -1.48 -5.19
N CYS A 316 7.86 -2.55 -5.97
CA CYS A 316 7.34 -3.80 -5.42
C CYS A 316 8.38 -4.91 -5.33
N SER A 317 9.64 -4.54 -5.12
CA SER A 317 10.70 -5.52 -5.05
C SER A 317 10.47 -6.54 -3.93
N THR A 318 9.85 -6.11 -2.83
CA THR A 318 9.47 -7.02 -1.75
C THR A 318 7.95 -7.01 -1.60
N GLY A 319 7.23 -6.70 -2.66
CA GLY A 319 5.81 -6.53 -2.57
C GLY A 319 4.99 -7.25 -3.64
N THR A 320 5.35 -8.50 -3.96
CA THR A 320 4.55 -9.30 -4.89
C THR A 320 4.37 -10.72 -4.41
N LEU A 321 3.26 -11.33 -4.83
CA LEU A 321 3.02 -12.72 -4.49
C LEU A 321 4.22 -13.59 -4.87
N ASP A 322 4.73 -13.41 -6.10
CA ASP A 322 5.92 -14.13 -6.55
C ASP A 322 7.10 -13.96 -5.61
N TYR A 323 7.41 -12.72 -5.26
CA TYR A 323 8.54 -12.45 -4.39
C TYR A 323 8.39 -13.14 -3.00
N ILE A 324 7.22 -13.07 -2.41
CA ILE A 324 7.03 -13.62 -1.06
C ILE A 324 6.95 -15.17 -1.08
N LEU A 325 6.51 -15.75 -2.20
CA LEU A 325 6.58 -17.20 -2.40
C LEU A 325 8.06 -17.65 -2.56
N GLN A 326 8.88 -16.91 -3.32
CA GLN A 326 10.30 -17.30 -3.42
C GLN A 326 10.89 -17.28 -2.02
N ARG A 327 10.57 -16.25 -1.23
CA ARG A 327 11.10 -16.17 0.12
C ARG A 327 10.67 -17.37 0.95
N CYS A 328 9.39 -17.77 0.91
CA CYS A 328 8.93 -18.87 1.78
C CYS A 328 9.69 -20.13 1.43
N GLN A 329 9.84 -20.33 0.12
CA GLN A 329 10.53 -21.45 -0.41
C GLN A 329 11.95 -21.43 0.09
N LEU A 330 12.55 -20.26 0.17
CA LEU A 330 13.95 -20.20 0.57
C LEU A 330 14.02 -20.68 2.02
N ALA A 331 13.09 -20.22 2.82
CA ALA A 331 13.08 -20.64 4.20
C ALA A 331 12.88 -22.16 4.33
N LEU A 332 12.07 -22.74 3.45
CA LEU A 332 11.71 -24.14 3.57
C LEU A 332 12.77 -25.06 2.99
N GLN A 333 13.70 -24.50 2.22
CA GLN A 333 14.93 -25.22 1.91
C GLN A 333 15.62 -25.82 3.15
N ASN A 334 15.47 -25.21 4.33
CA ASN A 334 16.07 -25.82 5.52
C ASN A 334 15.29 -27.01 6.11
N VAL A 335 14.08 -27.25 5.61
CA VAL A 335 13.26 -28.37 6.09
C VAL A 335 13.44 -29.67 5.26
N CYS A 336 13.47 -30.82 5.92
CA CYS A 336 13.30 -32.12 5.22
C CYS A 336 11.88 -32.19 4.74
N ASP A 337 11.70 -32.30 3.42
CA ASP A 337 10.37 -32.13 2.82
C ASP A 337 9.85 -33.37 2.08
N ASP A 338 10.26 -34.56 2.48
CA ASP A 338 9.75 -35.79 1.84
C ASP A 338 8.22 -35.76 1.83
N VAL A 339 7.67 -35.48 3.02
CA VAL A 339 6.25 -35.58 3.27
C VAL A 339 5.82 -34.38 4.11
N ASP A 340 4.54 -34.04 4.05
CA ASP A 340 3.97 -32.93 4.82
C ASP A 340 3.29 -33.41 6.09
N ASN A 341 3.99 -33.36 7.21
CA ASN A 341 3.43 -33.74 8.49
C ASN A 341 4.00 -32.85 9.59
N ASP A 342 3.71 -33.18 10.85
CA ASP A 342 4.09 -32.30 11.94
C ASP A 342 5.45 -32.63 12.56
N ASP A 343 6.07 -33.74 12.15
CA ASP A 343 7.42 -34.07 12.63
C ASP A 343 8.45 -33.24 11.88
N VAL A 344 8.59 -32.01 12.33
CA VAL A 344 9.40 -31.02 11.64
C VAL A 344 10.89 -31.21 11.97
N SER A 345 11.68 -31.45 10.93
CA SER A 345 13.11 -31.69 11.11
C SER A 345 13.93 -30.91 10.10
N LEU A 346 14.90 -30.17 10.61
CA LEU A 346 15.67 -29.24 9.79
C LEU A 346 16.99 -29.85 9.35
N LYS A 347 17.55 -29.33 8.26
CA LYS A 347 18.77 -29.85 7.67
C LYS A 347 19.99 -29.24 8.34
N SER A 348 19.83 -28.09 8.96
CA SER A 348 20.98 -27.43 9.58
C SER A 348 20.58 -26.49 10.69
N PHE A 349 21.43 -26.35 11.69
CA PHE A 349 21.22 -25.31 12.68
C PHE A 349 22.29 -24.21 12.66
N GLU A 350 23.02 -24.09 11.56
CA GLU A 350 23.91 -22.95 11.41
C GLU A 350 23.11 -21.69 11.73
N PRO A 351 23.68 -20.80 12.56
CA PRO A 351 22.97 -19.56 12.94
C PRO A 351 22.45 -18.75 11.76
N ALA A 352 23.26 -18.50 10.73
CA ALA A 352 22.80 -17.72 9.60
C ALA A 352 21.52 -18.29 8.96
N VAL A 353 21.49 -19.61 8.70
CA VAL A 353 20.30 -20.26 8.11
C VAL A 353 19.04 -20.12 8.98
N LEU A 354 19.19 -20.28 10.30
CA LEU A 354 18.07 -20.14 11.23
C LEU A 354 17.51 -18.72 11.34
N LYS A 355 18.38 -17.74 11.58
CA LYS A 355 18.06 -16.30 11.48
C LYS A 355 17.21 -15.98 10.23
N GLN A 356 17.79 -16.29 9.07
CA GLN A 356 17.09 -16.12 7.81
C GLN A 356 15.67 -16.71 7.87
N GLY A 357 15.57 -17.96 8.32
CA GLY A 357 14.29 -18.65 8.37
C GLY A 357 13.25 -17.91 9.17
N GLU A 358 13.59 -17.56 10.41
CA GLU A 358 12.74 -16.78 11.27
C GLU A 358 12.42 -15.37 10.72
N GLU A 359 13.30 -14.82 9.91
CA GLU A 359 13.03 -13.49 9.34
C GLU A 359 11.97 -13.57 8.27
N ILE A 360 12.06 -14.61 7.43
CA ILE A 360 11.07 -14.89 6.41
C ILE A 360 9.73 -15.26 7.08
N HIS A 361 9.80 -15.96 8.19
CA HIS A 361 8.63 -16.33 8.99
C HIS A 361 7.88 -15.05 9.39
N ASN A 362 8.60 -14.09 9.94
CA ASN A 362 8.03 -12.78 10.25
C ASN A 362 7.51 -12.04 9.01
N GLU A 363 8.24 -12.12 7.90
CA GLU A 363 7.84 -11.36 6.74
C GLU A 363 6.44 -11.80 6.23
N VAL A 364 6.24 -13.13 6.15
CA VAL A 364 4.98 -13.67 5.63
C VAL A 364 3.87 -13.50 6.63
N GLU A 365 4.18 -13.64 7.92
CA GLU A 365 3.16 -13.42 8.93
C GLU A 365 2.59 -11.99 8.94
N PHE A 366 3.46 -10.97 8.89
CA PHE A 366 3.06 -9.60 9.23
C PHE A 366 2.91 -8.64 8.06
N GLU A 367 3.67 -8.84 7.01
CA GLU A 367 3.54 -8.03 5.81
C GLU A 367 2.51 -8.60 4.83
N TRP A 368 2.17 -9.88 4.98
CA TRP A 368 1.27 -10.54 4.05
C TRP A 368 -0.03 -11.00 4.77
N LEU A 369 0.06 -12.03 5.60
CA LEU A 369 -1.12 -12.56 6.29
C LEU A 369 -1.89 -11.56 7.13
N ARG A 370 -1.27 -10.98 8.16
CA ARG A 370 -1.98 -10.05 9.03
C ARG A 370 -2.43 -8.77 8.32
N GLN A 371 -1.67 -8.37 7.30
CA GLN A 371 -2.05 -7.20 6.50
C GLN A 371 -3.29 -7.55 5.68
N PHE A 372 -3.26 -8.70 5.01
CA PHE A 372 -4.40 -9.16 4.23
C PHE A 372 -5.68 -9.30 5.07
N TRP A 373 -5.58 -9.91 6.25
CA TRP A 373 -6.78 -10.19 7.06
C TRP A 373 -7.26 -9.03 7.92
N PHE A 374 -6.39 -8.06 8.17
CA PHE A 374 -6.79 -6.82 8.81
C PHE A 374 -7.88 -6.13 7.98
N GLN A 375 -7.81 -6.36 6.66
CA GLN A 375 -8.82 -5.83 5.76
C GLN A 375 -10.08 -6.72 5.75
N GLY A 376 -10.08 -7.74 6.62
CA GLY A 376 -11.26 -8.55 6.89
C GLY A 376 -11.91 -9.12 5.66
N ASN A 377 -11.09 -9.49 4.68
CA ASN A 377 -11.61 -10.04 3.45
C ASN A 377 -12.66 -9.07 2.88
N ARG A 378 -12.18 -7.94 2.36
CA ARG A 378 -13.04 -6.98 1.66
C ARG A 378 -12.77 -7.05 0.18
N TYR A 379 -11.65 -7.67 -0.20
CA TYR A 379 -11.37 -7.92 -1.59
C TYR A 379 -12.28 -9.04 -2.12
N ARG A 380 -12.69 -9.94 -1.21
CA ARG A 380 -13.60 -11.03 -1.59
C ARG A 380 -14.85 -10.50 -2.27
N LYS A 381 -15.18 -9.24 -2.06
CA LYS A 381 -16.30 -8.59 -2.76
C LYS A 381 -15.98 -8.40 -4.24
N CYS A 382 -14.75 -7.98 -4.50
CA CYS A 382 -14.30 -7.57 -5.83
C CYS A 382 -13.80 -8.75 -6.65
N THR A 383 -13.08 -9.66 -5.99
CA THR A 383 -12.47 -10.78 -6.70
C THR A 383 -11.99 -11.81 -5.67
N ASP A 384 -11.68 -13.02 -6.14
CA ASP A 384 -11.16 -14.07 -5.26
C ASP A 384 -9.68 -14.38 -5.52
N TRP A 385 -9.07 -13.61 -6.42
CA TRP A 385 -7.68 -13.83 -6.84
C TRP A 385 -6.71 -14.23 -5.72
N TRP A 386 -6.84 -13.56 -4.58
CA TRP A 386 -5.96 -13.76 -3.43
C TRP A 386 -6.43 -14.88 -2.45
N CYS A 387 -7.55 -15.54 -2.74
CA CYS A 387 -8.06 -16.58 -1.84
CA CYS A 387 -8.05 -16.57 -1.84
C CYS A 387 -7.09 -17.75 -1.78
N GLN A 388 -6.79 -18.31 -2.96
CA GLN A 388 -5.84 -19.40 -3.05
C GLN A 388 -4.44 -18.93 -2.57
N PRO A 389 -3.89 -17.87 -3.17
CA PRO A 389 -2.56 -17.48 -2.69
C PRO A 389 -2.45 -17.35 -1.18
N MET A 390 -3.47 -16.79 -0.53
CA MET A 390 -3.35 -16.57 0.92
C MET A 390 -3.52 -17.87 1.69
N ALA A 391 -4.34 -18.79 1.18
CA ALA A 391 -4.40 -20.12 1.78
C ALA A 391 -2.99 -20.72 1.77
N GLN A 392 -2.30 -20.56 0.63
CA GLN A 392 -1.02 -21.19 0.40
C GLN A 392 0.05 -20.57 1.30
N LEU A 393 -0.01 -19.25 1.47
CA LEU A 393 0.91 -18.54 2.32
C LEU A 393 0.63 -18.89 3.76
N GLU A 394 -0.63 -19.18 4.09
CA GLU A 394 -0.97 -19.59 5.45
C GLU A 394 -0.39 -20.97 5.75
N ALA A 395 -0.44 -21.86 4.76
CA ALA A 395 0.10 -23.19 4.96
C ALA A 395 1.63 -23.08 5.14
N LEU A 396 2.26 -22.23 4.32
CA LEU A 396 3.70 -22.07 4.38
C LEU A 396 4.09 -21.50 5.74
N TRP A 397 3.28 -20.59 6.25
CA TRP A 397 3.54 -20.02 7.55
C TRP A 397 3.34 -21.07 8.67
N LYS A 398 2.35 -21.94 8.55
CA LYS A 398 2.07 -22.93 9.62
C LYS A 398 3.28 -23.84 9.72
N LYS A 399 3.77 -24.24 8.55
CA LYS A 399 4.96 -25.08 8.49
C LYS A 399 6.11 -24.39 9.20
N MET A 400 6.26 -23.09 8.95
CA MET A 400 7.28 -22.30 9.64
C MET A 400 7.09 -22.27 11.14
N GLU A 401 5.85 -22.22 11.65
CA GLU A 401 5.65 -22.33 13.10
C GLU A 401 6.27 -23.66 13.51
N GLY A 402 6.11 -24.65 12.66
CA GLY A 402 6.80 -25.92 12.82
C GLY A 402 8.31 -25.78 12.93
N VAL A 403 8.90 -25.04 12.00
CA VAL A 403 10.36 -24.84 12.02
C VAL A 403 10.85 -24.23 13.32
N THR A 404 10.23 -23.11 13.74
CA THR A 404 10.54 -22.43 14.99
C THR A 404 10.48 -23.40 16.15
N ASN A 405 9.45 -24.23 16.19
CA ASN A 405 9.33 -25.23 17.25
C ASN A 405 10.52 -26.17 17.24
N ALA A 406 10.92 -26.61 16.06
CA ALA A 406 12.03 -27.53 15.95
C ALA A 406 13.31 -26.89 16.48
N VAL A 407 13.48 -25.59 16.22
CA VAL A 407 14.64 -24.85 16.70
C VAL A 407 14.63 -24.80 18.23
N LEU A 408 13.45 -24.52 18.80
CA LEU A 408 13.34 -24.45 20.25
C LEU A 408 13.64 -25.81 20.84
N HIS A 409 13.34 -26.88 20.08
CA HIS A 409 13.66 -28.24 20.53
CA HIS A 409 13.66 -28.24 20.53
C HIS A 409 15.16 -28.46 20.57
N GLU A 410 15.86 -27.99 19.54
CA GLU A 410 17.32 -28.11 19.50
C GLU A 410 17.98 -27.39 20.68
N VAL A 411 17.76 -26.09 20.78
CA VAL A 411 18.26 -25.25 21.89
C VAL A 411 18.11 -25.89 23.27
N LYS A 412 17.16 -26.80 23.42
CA LYS A 412 16.95 -27.53 24.68
C LYS A 412 17.56 -28.95 24.71
N ARG A 413 18.45 -29.27 23.76
CA ARG A 413 18.93 -30.64 23.61
C ARG A 413 20.21 -30.93 24.40
N GLU A 414 20.14 -31.98 25.22
CA GLU A 414 21.17 -32.31 26.21
C GLU A 414 22.62 -32.24 25.71
N GLY A 415 22.95 -33.02 24.68
CA GLY A 415 24.32 -33.10 24.22
C GLY A 415 24.75 -31.95 23.33
N LEU A 416 24.23 -30.75 23.59
CA LEU A 416 24.52 -29.58 22.76
C LEU A 416 25.44 -28.61 23.52
N PRO A 417 26.68 -28.44 23.03
CA PRO A 417 27.65 -27.58 23.72
C PRO A 417 27.17 -26.14 23.78
N VAL A 418 27.28 -25.58 24.97
CA VAL A 418 26.64 -24.33 25.29
C VAL A 418 27.10 -23.18 24.39
N GLU A 419 28.29 -23.29 23.80
CA GLU A 419 28.73 -22.30 22.83
C GLU A 419 27.76 -22.28 21.65
N GLN A 420 27.48 -23.45 21.10
CA GLN A 420 26.60 -23.57 19.95
C GLN A 420 25.17 -23.18 20.27
N ARG A 421 24.68 -23.59 21.43
CA ARG A 421 23.32 -23.23 21.83
C ARG A 421 23.20 -21.72 21.81
N ASN A 422 24.08 -21.07 22.56
CA ASN A 422 24.09 -19.63 22.64
C ASN A 422 24.22 -19.00 21.28
N GLU A 423 24.91 -19.65 20.36
CA GLU A 423 24.95 -19.15 19.00
C GLU A 423 23.53 -19.11 18.40
N ILE A 424 22.80 -20.21 18.52
CA ILE A 424 21.42 -20.26 18.02
C ILE A 424 20.59 -19.13 18.61
N LEU A 425 20.56 -19.04 19.94
CA LEU A 425 19.81 -17.98 20.61
C LEU A 425 20.15 -16.63 19.99
N THR A 426 21.43 -16.30 19.90
CA THR A 426 21.83 -14.97 19.47
C THR A 426 21.46 -14.69 18.02
N ALA A 427 21.34 -15.74 17.21
CA ALA A 427 20.89 -15.58 15.82
C ALA A 427 19.36 -15.41 15.65
N ILE A 428 18.55 -15.99 16.55
CA ILE A 428 17.09 -15.86 16.47
C ILE A 428 16.41 -14.86 17.44
N LEU A 429 17.10 -14.43 18.51
CA LEU A 429 16.42 -13.66 19.58
C LEU A 429 15.70 -12.43 19.03
N ALA A 430 16.39 -11.62 18.24
CA ALA A 430 15.78 -10.43 17.63
C ALA A 430 14.47 -10.77 16.89
N SER A 431 14.52 -11.78 16.03
CA SER A 431 13.35 -12.22 15.26
C SER A 431 12.15 -12.55 16.13
N LEU A 432 12.39 -13.33 17.18
CA LEU A 432 11.32 -13.73 18.09
C LEU A 432 10.75 -12.58 18.94
N THR A 433 11.56 -11.61 19.33
CA THR A 433 11.02 -10.49 20.11
C THR A 433 10.24 -9.53 19.19
N ALA A 434 10.67 -9.45 17.94
CA ALA A 434 9.96 -8.68 16.93
C ALA A 434 8.64 -9.36 16.60
N ARG A 435 8.62 -10.69 16.65
CA ARG A 435 7.41 -11.44 16.39
C ARG A 435 6.42 -11.13 17.50
N GLN A 436 6.90 -11.16 18.73
CA GLN A 436 6.07 -10.83 19.91
C GLN A 436 5.48 -9.40 19.92
N ASN A 437 6.31 -8.42 19.57
CA ASN A 437 5.90 -7.04 19.61
C ASN A 437 4.92 -6.72 18.48
N LEU A 438 5.17 -7.32 17.31
CA LEU A 438 4.26 -7.15 16.18
C LEU A 438 2.95 -7.89 16.42
N ARG A 439 2.98 -8.97 17.18
CA ARG A 439 1.73 -9.64 17.53
C ARG A 439 0.88 -8.82 18.50
N ARG A 440 1.48 -8.27 19.55
CA ARG A 440 0.74 -7.38 20.44
C ARG A 440 0.09 -6.27 19.61
N GLU A 441 0.89 -5.67 18.70
CA GLU A 441 0.44 -4.56 17.83
C GLU A 441 -0.75 -4.90 16.93
N TRP A 442 -0.67 -6.02 16.22
CA TRP A 442 -1.73 -6.38 15.30
C TRP A 442 -3.02 -6.77 16.02
N HIS A 443 -2.92 -7.50 17.12
CA HIS A 443 -4.13 -7.91 17.85
C HIS A 443 -4.87 -6.68 18.39
N ALA A 444 -4.12 -5.79 19.03
CA ALA A 444 -4.67 -4.54 19.50
C ALA A 444 -5.31 -3.74 18.37
N ARG A 445 -4.61 -3.67 17.23
CA ARG A 445 -5.07 -2.90 16.07
C ARG A 445 -6.38 -3.50 15.55
N CYS A 446 -6.51 -4.82 15.73
CA CYS A 446 -7.71 -5.56 15.36
C CYS A 446 -8.85 -5.37 16.36
N GLN A 447 -8.52 -5.09 17.62
CA GLN A 447 -9.55 -4.84 18.64
C GLN A 447 -9.87 -3.37 19.03
N SER A 448 -9.28 -2.38 18.38
CA SER A 448 -9.42 -0.99 18.85
C SER A 448 -10.84 -0.43 18.66
N ARG A 449 -11.23 0.46 19.56
CA ARG A 449 -12.59 1.00 19.55
C ARG A 449 -13.05 1.33 18.14
N ILE A 450 -12.16 1.91 17.34
CA ILE A 450 -12.50 2.35 15.99
C ILE A 450 -12.83 1.17 15.10
N ALA A 451 -12.01 0.12 15.17
CA ALA A 451 -12.15 -1.07 14.32
C ALA A 451 -13.45 -1.84 14.55
N ARG A 452 -13.93 -1.82 15.80
CA ARG A 452 -15.14 -2.55 16.16
C ARG A 452 -16.40 -1.88 15.63
N THR A 453 -16.27 -0.67 15.07
CA THR A 453 -17.43 0.07 14.56
C THR A 453 -17.59 -0.06 13.04
N LEU A 454 -16.63 -0.72 12.39
CA LEU A 454 -16.72 -0.96 10.96
C LEU A 454 -17.81 -1.99 10.67
N PRO A 455 -18.29 -2.03 9.43
CA PRO A 455 -19.31 -3.01 9.03
C PRO A 455 -18.75 -4.42 9.05
N ALA A 456 -19.63 -5.42 9.13
CA ALA A 456 -19.24 -6.82 9.35
C ALA A 456 -18.37 -7.40 8.24
N ASP A 457 -18.57 -6.95 7.01
CA ASP A 457 -17.76 -7.42 5.89
C ASP A 457 -16.42 -6.67 5.79
N GLN A 458 -16.15 -5.78 6.75
CA GLN A 458 -14.88 -5.05 6.82
C GLN A 458 -14.21 -5.20 8.18
N LYS A 459 -14.92 -5.72 9.18
CA LYS A 459 -14.34 -5.90 10.50
C LYS A 459 -12.93 -6.51 10.37
N PRO A 460 -11.92 -5.87 10.98
CA PRO A 460 -10.60 -6.50 11.02
C PRO A 460 -10.64 -7.88 11.65
N GLU A 461 -9.78 -8.75 11.16
CA GLU A 461 -9.74 -10.13 11.56
C GLU A 461 -8.30 -10.50 11.94
N CYS A 462 -8.05 -10.61 13.25
CA CYS A 462 -6.74 -11.03 13.72
C CYS A 462 -6.52 -12.50 13.34
N ARG A 463 -5.78 -12.71 12.25
CA ARG A 463 -5.62 -14.03 11.68
C ARG A 463 -4.22 -14.22 11.03
N PRO A 464 -3.57 -15.37 11.30
CA PRO A 464 -4.08 -16.51 12.06
C PRO A 464 -4.10 -16.23 13.56
N TYR A 465 -4.99 -16.90 14.28
CA TYR A 465 -5.04 -16.75 15.73
C TYR A 465 -5.60 -18.01 16.37
N TRP A 466 -4.95 -18.44 17.45
CA TRP A 466 -5.30 -19.69 18.10
C TRP A 466 -5.18 -19.51 19.61
N GLU A 467 -5.99 -20.25 20.36
CA GLU A 467 -5.94 -20.16 21.81
C GLU A 467 -4.84 -21.08 22.34
N LYS A 468 -4.39 -20.84 23.57
CA LYS A 468 -3.29 -21.61 24.15
C LYS A 468 -3.70 -23.07 24.25
N ASP A 469 -5.01 -23.31 24.25
CA ASP A 469 -5.54 -24.66 24.37
C ASP A 469 -5.53 -25.37 23.03
N ASP A 470 -5.29 -24.63 21.95
CA ASP A 470 -5.44 -25.21 20.62
C ASP A 470 -4.25 -26.08 20.22
N ALA A 471 -4.48 -27.39 20.27
CA ALA A 471 -3.42 -28.36 20.03
C ALA A 471 -3.21 -28.62 18.54
N SER A 472 -3.80 -27.79 17.67
CA SER A 472 -3.50 -27.91 16.24
C SER A 472 -2.18 -27.21 15.92
N MET A 473 -1.83 -26.22 16.74
CA MET A 473 -0.66 -25.39 16.50
C MET A 473 0.48 -25.80 17.42
N PRO A 474 1.70 -25.90 16.88
CA PRO A 474 2.85 -26.36 17.67
C PRO A 474 3.34 -25.36 18.73
N LEU A 475 3.03 -24.08 18.58
CA LEU A 475 3.53 -23.05 19.50
C LEU A 475 2.46 -22.01 19.84
N PRO A 476 2.51 -21.46 21.06
CA PRO A 476 1.51 -20.49 21.51
C PRO A 476 1.55 -19.23 20.67
N PHE A 477 0.45 -18.50 20.63
CA PHE A 477 0.40 -17.19 19.99
C PHE A 477 1.23 -16.18 20.80
N ASP A 478 1.16 -16.31 22.13
CA ASP A 478 1.86 -15.42 23.05
C ASP A 478 3.26 -15.95 23.41
N LEU A 479 4.26 -15.56 22.65
CA LEU A 479 5.65 -15.97 22.84
C LEU A 479 6.36 -15.33 24.01
N THR A 480 5.63 -14.53 24.79
CA THR A 480 6.24 -13.78 25.88
C THR A 480 7.14 -14.65 26.75
N ASP A 481 6.60 -15.73 27.30
CA ASP A 481 7.37 -16.60 28.18
C ASP A 481 8.60 -17.17 27.51
N ILE A 482 8.44 -17.66 26.29
CA ILE A 482 9.54 -18.25 25.55
C ILE A 482 10.70 -17.28 25.35
N VAL A 483 10.41 -16.07 24.91
CA VAL A 483 11.45 -15.07 24.68
C VAL A 483 12.16 -14.71 25.98
N SER A 484 11.39 -14.64 27.07
CA SER A 484 11.98 -14.41 28.38
C SER A 484 13.05 -15.45 28.65
N GLU A 485 12.67 -16.71 28.43
CA GLU A 485 13.51 -17.86 28.72
C GLU A 485 14.81 -17.83 27.92
N LEU A 486 14.72 -17.59 26.63
CA LEU A 486 15.91 -17.56 25.80
C LEU A 486 16.87 -16.46 26.28
N ARG A 487 16.34 -15.26 26.51
CA ARG A 487 17.17 -14.18 27.04
C ARG A 487 17.91 -14.60 28.31
N GLY A 488 17.19 -15.21 29.26
CA GLY A 488 17.78 -15.66 30.51
C GLY A 488 18.94 -16.61 30.30
N GLN A 489 18.75 -17.56 29.39
CA GLN A 489 19.79 -18.52 29.08
C GLN A 489 21.04 -17.77 28.60
N LEU A 490 20.81 -16.78 27.75
CA LEU A 490 21.91 -16.06 27.13
C LEU A 490 22.79 -15.27 28.12
N LEU A 491 22.35 -15.18 29.37
CA LEU A 491 23.14 -14.49 30.41
C LEU A 491 23.58 -15.43 31.52
N GLU A 492 23.69 -16.72 31.21
CA GLU A 492 24.12 -17.69 32.20
C GLU A 492 25.64 -17.77 32.26
N ALA A 493 26.21 -17.49 33.42
CA ALA A 493 27.66 -17.54 33.59
C ALA A 493 28.15 -18.98 33.65
ZN ZN B . -0.69 11.60 -2.79
OAA RHN C . -1.71 12.31 6.82
OAB RHN C . 1.34 9.59 3.76
OAC RHN C . -2.71 9.17 0.19
OAD RHN C . -3.71 12.86 6.14
OAE RHN C . -1.44 7.88 -1.33
OAF RHN C . -4.20 10.54 1.70
CAG RHN C . 1.83 7.38 0.11
CAH RHN C . 0.79 7.31 -0.77
CAI RHN C . 1.73 8.06 1.32
CAJ RHN C . -3.32 11.33 3.73
CAK RHN C . -1.05 10.84 4.41
CAL RHN C . -2.55 12.24 5.93
CAM RHN C . -2.29 11.46 4.66
CAN RHN C . -0.40 7.93 -0.45
CAO RHN C . -3.15 10.63 2.55
CAP RHN C . 0.42 9.47 2.93
CAQ RHN C . -1.79 9.28 1.03
CAR RHN C . 0.56 8.71 1.65
CAS RHN C . -0.89 10.13 3.22
CAT RHN C . -0.50 8.62 0.74
CAU RHN C . -1.93 10.02 2.30
CAC FLC D . -5.78 12.90 -6.20
CA FLC D . -4.53 12.97 -5.39
CB FLC D . -4.39 11.75 -4.56
CBC FLC D . -3.06 11.77 -3.87
CG FLC D . -5.48 11.73 -3.53
CGC FLC D . -5.42 10.46 -2.80
OA1 FLC D . -6.84 12.38 -5.74
OA2 FLC D . -5.81 13.36 -7.37
OB1 FLC D . -2.94 12.51 -2.87
OB2 FLC D . -2.10 11.04 -4.28
OG1 FLC D . -5.63 10.40 -1.55
OG2 FLC D . -5.15 9.44 -3.47
OHB FLC D . -4.48 10.63 -5.36
#